data_1AH4
#
_entry.id   1AH4
#
_cell.length_a   68.090
_cell.length_b   68.090
_cell.length_c   153.350
_cell.angle_alpha   90.00
_cell.angle_beta   90.00
_cell.angle_gamma   90.00
#
_symmetry.space_group_name_H-M   'P 43 21 2'
#
loop_
_entity.id
_entity.type
_entity.pdbx_description
1 polymer 'ALDOSE REDUCTASE'
2 non-polymer 'NADP NICOTINAMIDE-ADENINE-DINUCLEOTIDE PHOSPHATE'
3 water water
#
_entity_poly.entity_id   1
_entity_poly.type   'polypeptide(L)'
_entity_poly.pdbx_seq_one_letter_code
;(AYA)SHLVLYTGAKMPILGLGTWKSPPGKVTEAVKVAIDLGYRHIDCAHVYQNENEVGLGLQEKLQGQVVKREDLFIVS
KLWCTDHEKNLVKGACQTTLRDLKLDYLDLYLIHWPTGFKPGKDPFPLDGDGNVVPDESDFVETWEAMEELVDEGLVKAI
GVSNFNHLQVEKILNKPGLKYKPAVNQIEVHPYLTQEKLIEYCKSKGIVVTAYSPLGSPDRPWAKPEDPSLLEDPRIKAI
AAKYNKTTAQVLIRFPMQRNLIVIPKSVTPERIAENFQVFDFELSPEDMNTLLSYNRNWRVCALMSCASHKDYPFHEEY
;
_entity_poly.pdbx_strand_id   A
#
# COMPACT_ATOMS: atom_id res chain seq x y z
N SER A 2 -11.77 11.57 -6.46
CA SER A 2 -10.71 11.57 -7.48
C SER A 2 -9.39 11.62 -6.72
N HIS A 3 -9.31 12.36 -5.63
CA HIS A 3 -8.13 12.45 -4.82
C HIS A 3 -8.56 12.61 -3.37
N LEU A 4 -7.80 12.17 -2.40
CA LEU A 4 -8.06 12.59 -1.03
C LEU A 4 -6.94 13.56 -0.76
N VAL A 5 -6.89 14.36 0.28
CA VAL A 5 -5.86 15.36 0.48
C VAL A 5 -5.17 15.00 1.78
N LEU A 6 -3.85 14.99 1.75
CA LEU A 6 -3.07 14.63 2.90
C LEU A 6 -2.92 15.84 3.78
N TYR A 7 -2.51 15.71 5.03
CA TYR A 7 -2.46 16.89 5.87
C TYR A 7 -1.39 17.91 5.48
N THR A 8 -0.51 17.62 4.52
CA THR A 8 0.57 18.52 4.08
C THR A 8 0.04 19.48 3.03
N GLY A 9 -1.08 19.07 2.46
CA GLY A 9 -1.75 19.79 1.40
C GLY A 9 -1.86 18.97 0.13
N ALA A 10 -1.00 17.96 -0.03
CA ALA A 10 -0.86 17.23 -1.28
C ALA A 10 -2.01 16.38 -1.66
N LYS A 11 -2.41 16.48 -2.91
CA LYS A 11 -3.52 15.71 -3.40
C LYS A 11 -2.95 14.37 -3.76
N MET A 12 -3.56 13.36 -3.16
CA MET A 12 -3.14 12.00 -3.38
C MET A 12 -4.22 11.34 -4.20
N PRO A 13 -3.96 10.87 -5.43
CA PRO A 13 -4.92 10.18 -6.28
C PRO A 13 -5.56 9.00 -5.56
N ILE A 14 -6.88 8.87 -5.65
CA ILE A 14 -7.60 7.85 -4.92
C ILE A 14 -7.40 6.48 -5.53
N LEU A 15 -7.01 6.33 -6.79
CA LEU A 15 -6.80 5.02 -7.37
C LEU A 15 -5.32 5.00 -7.74
N GLY A 16 -4.65 3.87 -7.56
CA GLY A 16 -3.27 3.78 -7.93
C GLY A 16 -3.02 2.38 -8.41
N LEU A 17 -1.90 2.18 -9.10
CA LEU A 17 -1.55 0.85 -9.58
C LEU A 17 -0.62 0.24 -8.53
N GLY A 18 -0.95 -0.98 -8.14
CA GLY A 18 -0.18 -1.74 -7.18
C GLY A 18 0.83 -2.58 -7.95
N THR A 19 2.06 -2.71 -7.46
CA THR A 19 3.01 -3.50 -8.24
C THR A 19 3.58 -4.75 -7.53
N TRP A 20 2.98 -5.19 -6.40
CA TRP A 20 3.45 -6.40 -5.70
C TRP A 20 3.03 -7.58 -6.54
N LYS A 21 4.06 -8.40 -6.79
CA LYS A 21 4.04 -9.60 -7.61
C LYS A 21 3.95 -9.23 -9.06
N SER A 22 4.04 -7.98 -9.49
CA SER A 22 4.05 -7.63 -10.88
C SER A 22 5.45 -7.95 -11.43
N PRO A 23 5.66 -8.99 -12.27
CA PRO A 23 6.98 -9.52 -12.61
C PRO A 23 7.78 -8.46 -13.35
N PRO A 24 9.10 -8.36 -13.20
CA PRO A 24 9.93 -7.32 -13.78
C PRO A 24 9.72 -7.15 -15.27
N GLY A 25 9.56 -8.27 -15.99
CA GLY A 25 9.31 -8.26 -17.43
C GLY A 25 7.86 -7.95 -17.83
N LYS A 26 7.02 -7.48 -16.92
CA LYS A 26 5.63 -7.13 -17.23
C LYS A 26 5.28 -5.76 -16.67
N VAL A 27 5.91 -5.39 -15.56
CA VAL A 27 5.58 -4.17 -14.87
C VAL A 27 5.89 -2.88 -15.63
N THR A 28 6.88 -2.81 -16.52
CA THR A 28 7.12 -1.61 -17.30
C THR A 28 5.95 -1.28 -18.25
N GLU A 29 5.45 -2.23 -19.00
CA GLU A 29 4.32 -2.07 -19.89
C GLU A 29 3.12 -1.83 -19.00
N ALA A 30 2.85 -2.57 -17.91
CA ALA A 30 1.73 -2.28 -17.02
C ALA A 30 1.73 -0.82 -16.55
N VAL A 31 2.85 -0.31 -16.03
CA VAL A 31 3.00 1.09 -15.64
C VAL A 31 2.74 2.01 -16.83
N LYS A 32 3.25 1.67 -18.01
CA LYS A 32 3.05 2.52 -19.17
C LYS A 32 1.59 2.61 -19.58
N VAL A 33 0.95 1.45 -19.62
CA VAL A 33 -0.44 1.33 -20.02
C VAL A 33 -1.29 2.11 -19.03
N ALA A 34 -1.05 1.98 -17.72
CA ALA A 34 -1.81 2.65 -16.67
C ALA A 34 -1.74 4.17 -16.77
N ILE A 35 -0.54 4.69 -16.98
CA ILE A 35 -0.35 6.12 -17.18
C ILE A 35 -1.08 6.51 -18.45
N ASP A 36 -1.02 5.72 -19.53
CA ASP A 36 -1.86 5.98 -20.69
C ASP A 36 -3.37 5.96 -20.39
N LEU A 37 -3.82 5.17 -19.42
CA LEU A 37 -5.20 5.11 -19.03
C LEU A 37 -5.58 6.24 -18.10
N GLY A 38 -4.63 7.03 -17.59
CA GLY A 38 -4.97 8.13 -16.71
C GLY A 38 -4.55 7.91 -15.26
N TYR A 39 -4.02 6.74 -14.88
CA TYR A 39 -3.58 6.49 -13.51
C TYR A 39 -2.43 7.42 -13.25
N ARG A 40 -2.46 8.14 -12.16
CA ARG A 40 -1.40 9.05 -11.82
C ARG A 40 -0.72 8.67 -10.52
N HIS A 41 -0.99 7.49 -9.98
CA HIS A 41 -0.39 7.09 -8.71
C HIS A 41 0.05 5.66 -8.86
N ILE A 42 1.28 5.35 -8.45
CA ILE A 42 1.81 4.01 -8.54
C ILE A 42 2.34 3.71 -7.13
N ASP A 43 2.03 2.54 -6.63
CA ASP A 43 2.46 2.11 -5.33
C ASP A 43 3.63 1.15 -5.54
N CYS A 44 4.78 1.37 -4.96
CA CYS A 44 5.92 0.53 -5.23
C CYS A 44 6.48 0.17 -3.89
N ALA A 45 7.52 -0.68 -3.94
CA ALA A 45 8.31 -0.98 -2.76
C ALA A 45 9.59 -1.65 -3.15
N HIS A 46 10.62 -1.38 -2.36
CA HIS A 46 11.90 -2.00 -2.56
C HIS A 46 11.80 -3.51 -2.60
N VAL A 47 11.05 -4.08 -1.66
CA VAL A 47 10.96 -5.51 -1.58
C VAL A 47 10.24 -6.18 -2.75
N TYR A 48 9.54 -5.44 -3.61
CA TYR A 48 8.85 -6.09 -4.72
C TYR A 48 9.79 -6.49 -5.85
N GLN A 49 11.04 -5.98 -5.83
CA GLN A 49 12.10 -6.36 -6.78
C GLN A 49 11.88 -6.07 -8.25
N ASN A 50 11.24 -4.93 -8.47
CA ASN A 50 10.87 -4.49 -9.80
C ASN A 50 10.85 -2.98 -9.86
N GLU A 51 11.41 -2.25 -8.88
CA GLU A 51 11.31 -0.80 -8.93
C GLU A 51 12.12 -0.27 -10.09
N ASN A 52 13.20 -0.94 -10.47
CA ASN A 52 13.97 -0.52 -11.64
C ASN A 52 13.11 -0.50 -12.90
N GLU A 53 12.34 -1.59 -12.97
CA GLU A 53 11.48 -1.78 -14.12
C GLU A 53 10.31 -0.87 -14.04
N VAL A 54 9.83 -0.51 -12.84
CA VAL A 54 8.81 0.54 -12.71
C VAL A 54 9.44 1.84 -13.20
N GLY A 55 10.69 2.13 -12.81
CA GLY A 55 11.41 3.32 -13.19
C GLY A 55 11.49 3.46 -14.68
N LEU A 56 11.74 2.37 -15.39
CA LEU A 56 11.76 2.39 -16.86
C LEU A 56 10.46 2.91 -17.42
N GLY A 57 9.31 2.38 -16.98
CA GLY A 57 8.03 2.82 -17.53
C GLY A 57 7.75 4.29 -17.30
N LEU A 58 8.10 4.70 -16.08
CA LEU A 58 7.90 6.07 -15.65
C LEU A 58 8.80 6.97 -16.45
N GLN A 59 10.07 6.61 -16.62
CA GLN A 59 11.05 7.44 -17.33
C GLN A 59 10.61 7.69 -18.76
N GLU A 60 10.10 6.61 -19.37
CA GLU A 60 9.60 6.66 -20.72
C GLU A 60 8.46 7.65 -20.85
N LYS A 61 7.52 7.57 -19.93
CA LYS A 61 6.37 8.45 -19.93
C LYS A 61 6.70 9.92 -19.62
N LEU A 62 7.72 10.13 -18.78
CA LEU A 62 8.17 11.45 -18.41
C LEU A 62 9.05 12.09 -19.49
N GLN A 63 9.88 11.32 -20.21
CA GLN A 63 10.70 11.88 -21.28
C GLN A 63 9.82 12.10 -22.50
N GLY A 64 8.87 11.20 -22.67
CA GLY A 64 7.89 11.28 -23.76
C GLY A 64 6.77 12.31 -23.54
N GLN A 65 6.99 13.18 -22.54
CA GLN A 65 6.12 14.29 -22.16
C GLN A 65 4.65 13.93 -22.03
N VAL A 66 4.37 12.67 -21.67
CA VAL A 66 3.00 12.17 -21.50
C VAL A 66 2.46 12.64 -20.16
N VAL A 67 3.35 12.88 -19.19
CA VAL A 67 3.04 13.32 -17.85
C VAL A 67 4.17 14.21 -17.35
N LYS A 68 3.83 15.08 -16.41
CA LYS A 68 4.78 15.95 -15.74
C LYS A 68 5.00 15.31 -14.38
N ARG A 69 6.21 15.32 -13.82
CA ARG A 69 6.49 14.72 -12.51
C ARG A 69 5.52 15.17 -11.42
N GLU A 70 5.09 16.44 -11.43
CA GLU A 70 4.15 16.97 -10.45
C GLU A 70 2.79 16.31 -10.53
N ASP A 71 2.47 15.73 -11.70
CA ASP A 71 1.20 15.06 -11.91
C ASP A 71 1.25 13.63 -11.42
N LEU A 72 2.41 13.11 -11.03
CA LEU A 72 2.56 11.72 -10.66
C LEU A 72 2.63 11.60 -9.14
N PHE A 73 2.10 10.52 -8.57
CA PHE A 73 2.16 10.34 -7.14
C PHE A 73 2.73 8.94 -7.03
N ILE A 74 4.05 8.90 -6.78
CA ILE A 74 4.80 7.65 -6.66
C ILE A 74 5.13 7.41 -5.20
N VAL A 75 4.77 6.19 -4.76
CA VAL A 75 4.95 5.76 -3.37
C VAL A 75 5.94 4.61 -3.36
N SER A 76 6.85 4.60 -2.42
CA SER A 76 7.59 3.40 -2.20
C SER A 76 7.66 3.17 -0.69
N LYS A 77 8.33 2.10 -0.28
CA LYS A 77 8.36 1.64 1.11
C LYS A 77 9.73 1.16 1.53
N LEU A 78 10.06 1.49 2.78
CA LEU A 78 11.25 1.07 3.51
C LEU A 78 11.08 -0.34 4.02
N TRP A 79 11.97 -1.26 3.63
CA TRP A 79 11.81 -2.63 4.04
C TRP A 79 12.32 -2.88 5.43
N CYS A 80 11.76 -3.96 6.03
CA CYS A 80 12.06 -4.37 7.38
C CYS A 80 13.53 -4.54 7.66
N THR A 81 14.39 -4.96 6.73
CA THR A 81 15.81 -5.11 7.06
C THR A 81 16.51 -3.75 7.04
N ASP A 82 15.80 -2.65 6.76
CA ASP A 82 16.38 -1.33 6.69
C ASP A 82 15.85 -0.37 7.71
N HIS A 83 15.41 -0.88 8.85
CA HIS A 83 14.81 -0.07 9.88
C HIS A 83 15.85 0.59 10.73
N GLU A 84 17.08 0.08 10.91
CA GLU A 84 18.08 0.75 11.75
C GLU A 84 18.25 2.18 11.27
N LYS A 85 18.21 3.17 12.14
CA LYS A 85 18.22 4.58 11.76
C LYS A 85 19.24 4.99 10.70
N ASN A 86 20.42 4.40 10.74
CA ASN A 86 21.52 4.71 9.83
C ASN A 86 21.32 4.06 8.48
N LEU A 87 20.46 3.07 8.35
CA LEU A 87 20.20 2.42 7.08
C LEU A 87 19.10 3.06 6.26
N VAL A 88 18.29 3.94 6.84
CA VAL A 88 17.11 4.48 6.17
C VAL A 88 17.40 5.36 4.95
N LYS A 89 18.37 6.28 5.00
CA LYS A 89 18.65 7.21 3.90
C LYS A 89 19.13 6.42 2.70
N GLY A 90 19.97 5.43 2.99
CA GLY A 90 20.50 4.52 1.98
C GLY A 90 19.42 3.77 1.23
N ALA A 91 18.44 3.25 1.97
CA ALA A 91 17.38 2.53 1.33
C ALA A 91 16.49 3.46 0.51
N CYS A 92 16.29 4.67 0.98
CA CYS A 92 15.48 5.59 0.22
C CYS A 92 16.25 5.93 -1.04
N GLN A 93 17.56 6.18 -0.98
CA GLN A 93 18.39 6.45 -2.18
C GLN A 93 18.44 5.28 -3.18
N THR A 94 18.63 4.01 -2.79
CA THR A 94 18.47 2.90 -3.72
C THR A 94 17.15 2.95 -4.48
N THR A 95 16.04 3.07 -3.75
CA THR A 95 14.73 3.18 -4.36
C THR A 95 14.62 4.38 -5.32
N LEU A 96 15.17 5.54 -4.96
CA LEU A 96 15.10 6.71 -5.84
C LEU A 96 15.85 6.51 -7.15
N ARG A 97 17.07 6.02 -7.02
CA ARG A 97 17.87 5.65 -8.16
C ARG A 97 17.14 4.56 -8.98
N ASP A 98 16.68 3.44 -8.41
CA ASP A 98 15.96 2.44 -9.19
C ASP A 98 14.74 2.99 -9.90
N LEU A 99 14.01 3.86 -9.23
CA LEU A 99 12.81 4.47 -9.80
C LEU A 99 13.20 5.58 -10.79
N LYS A 100 14.43 6.10 -10.72
CA LYS A 100 15.02 7.14 -11.55
C LYS A 100 14.35 8.46 -11.27
N LEU A 101 14.09 8.71 -9.99
CA LEU A 101 13.34 9.88 -9.60
C LEU A 101 14.19 10.68 -8.63
N ASP A 102 13.90 11.95 -8.46
CA ASP A 102 14.64 12.77 -7.52
C ASP A 102 14.02 12.79 -6.11
N TYR A 103 12.73 12.53 -6.00
CA TYR A 103 12.02 12.57 -4.74
C TYR A 103 10.88 11.58 -4.90
N LEU A 104 10.36 11.15 -3.76
CA LEU A 104 9.18 10.29 -3.73
C LEU A 104 8.07 11.17 -3.20
N ASP A 105 6.84 10.85 -3.53
CA ASP A 105 5.73 11.64 -3.01
C ASP A 105 5.34 11.13 -1.63
N LEU A 106 5.56 9.84 -1.41
CA LEU A 106 5.23 9.23 -0.15
C LEU A 106 6.17 8.07 0.04
N TYR A 107 6.77 7.95 1.19
CA TYR A 107 7.58 6.82 1.51
C TYR A 107 6.94 6.25 2.80
N LEU A 108 6.66 4.95 2.79
CA LEU A 108 6.05 4.25 3.89
C LEU A 108 7.00 3.32 4.65
N ILE A 109 6.90 3.17 5.98
CA ILE A 109 7.58 2.09 6.68
C ILE A 109 6.68 0.93 6.33
N HIS A 110 7.23 -0.10 5.67
CA HIS A 110 6.43 -1.18 5.13
C HIS A 110 5.70 -2.00 6.20
N TRP A 111 6.34 -2.36 7.31
CA TRP A 111 5.80 -3.18 8.39
C TRP A 111 6.42 -2.60 9.64
N PRO A 112 5.79 -2.61 10.83
CA PRO A 112 6.38 -2.09 12.06
C PRO A 112 7.66 -2.85 12.45
N THR A 113 7.75 -4.09 11.97
CA THR A 113 8.80 -5.05 12.28
C THR A 113 10.15 -4.80 11.65
N GLY A 114 11.20 -4.56 12.42
CA GLY A 114 12.53 -4.48 11.84
C GLY A 114 13.15 -5.86 11.90
N PHE A 115 13.76 -6.29 10.80
CA PHE A 115 14.40 -7.59 10.68
C PHE A 115 15.87 -7.29 10.64
N LYS A 116 16.65 -8.30 11.02
CA LYS A 116 18.09 -8.14 11.11
C LYS A 116 18.63 -7.72 9.74
N PRO A 117 19.41 -6.64 9.66
CA PRO A 117 19.92 -6.11 8.41
C PRO A 117 20.85 -7.12 7.77
N GLY A 118 20.81 -7.06 6.45
CA GLY A 118 21.60 -7.91 5.61
C GLY A 118 20.92 -7.90 4.27
N LYS A 119 21.43 -8.60 3.25
CA LYS A 119 20.81 -8.60 1.94
C LYS A 119 19.58 -9.47 1.94
N ASP A 120 19.52 -10.57 2.69
CA ASP A 120 18.36 -11.43 2.71
C ASP A 120 17.16 -10.65 3.28
N PRO A 121 16.05 -10.52 2.54
CA PRO A 121 14.85 -9.79 2.94
C PRO A 121 14.09 -10.32 4.16
N PHE A 122 14.04 -11.64 4.35
CA PHE A 122 13.39 -12.27 5.48
C PHE A 122 14.42 -13.21 6.12
N PRO A 123 15.27 -12.73 7.02
CA PRO A 123 16.33 -13.52 7.64
C PRO A 123 15.71 -14.47 8.63
N LEU A 124 15.80 -15.76 8.33
CA LEU A 124 15.15 -16.76 9.16
C LEU A 124 16.15 -17.48 10.03
N ASP A 125 15.68 -17.84 11.24
CA ASP A 125 16.50 -18.63 12.16
C ASP A 125 16.20 -20.12 11.91
N GLY A 126 16.89 -21.00 12.64
CA GLY A 126 16.75 -22.44 12.51
C GLY A 126 15.34 -22.96 12.79
N ASP A 127 14.61 -22.30 13.68
CA ASP A 127 13.23 -22.69 13.95
C ASP A 127 12.32 -22.16 12.84
N GLY A 128 12.81 -21.24 11.99
CA GLY A 128 12.07 -20.70 10.86
C GLY A 128 11.35 -19.38 11.13
N ASN A 129 11.37 -18.82 12.34
CA ASN A 129 10.76 -17.51 12.51
C ASN A 129 11.82 -16.47 12.14
N VAL A 130 11.42 -15.20 11.92
CA VAL A 130 12.34 -14.17 11.45
C VAL A 130 13.13 -13.56 12.59
N VAL A 131 14.37 -13.24 12.27
CA VAL A 131 15.32 -12.61 13.17
C VAL A 131 15.05 -11.10 13.26
N PRO A 132 14.79 -10.53 14.45
CA PRO A 132 14.60 -9.11 14.67
C PRO A 132 15.91 -8.35 14.73
N ASP A 133 15.91 -7.05 14.43
CA ASP A 133 17.11 -6.25 14.59
C ASP A 133 17.06 -5.70 16.01
N GLU A 134 17.91 -4.72 16.31
CA GLU A 134 17.88 -4.02 17.58
C GLU A 134 17.28 -2.62 17.31
N SER A 135 16.05 -2.48 16.79
CA SER A 135 15.49 -1.14 16.61
C SER A 135 13.99 -1.08 16.96
N ASP A 136 13.56 0.14 17.28
CA ASP A 136 12.16 0.45 17.57
C ASP A 136 11.72 1.31 16.40
N PHE A 137 10.55 1.13 15.82
CA PHE A 137 10.15 1.94 14.68
C PHE A 137 10.05 3.44 14.95
N VAL A 138 10.06 3.90 16.19
CA VAL A 138 10.08 5.32 16.53
C VAL A 138 11.46 5.92 16.15
N GLU A 139 12.52 5.15 16.27
CA GLU A 139 13.88 5.54 15.83
C GLU A 139 13.86 5.52 14.30
N THR A 140 13.29 4.51 13.64
CA THR A 140 13.16 4.52 12.19
C THR A 140 12.36 5.75 11.76
N TRP A 141 11.29 6.10 12.48
CA TRP A 141 10.46 7.24 12.14
C TRP A 141 11.29 8.51 12.07
N GLU A 142 12.18 8.69 13.04
CA GLU A 142 13.07 9.83 13.06
C GLU A 142 13.94 9.91 11.83
N ALA A 143 14.42 8.79 11.30
CA ALA A 143 15.24 8.89 10.11
C ALA A 143 14.37 9.12 8.92
N MET A 144 13.13 8.64 8.90
CA MET A 144 12.16 8.97 7.86
C MET A 144 11.88 10.46 7.78
N GLU A 145 11.85 11.16 8.94
CA GLU A 145 11.69 12.61 9.04
C GLU A 145 12.81 13.43 8.39
N GLU A 146 14.02 12.89 8.48
CA GLU A 146 15.18 13.51 7.84
C GLU A 146 15.05 13.42 6.35
N LEU A 147 14.36 12.43 5.80
CA LEU A 147 14.16 12.37 4.38
C LEU A 147 13.27 13.51 3.92
N VAL A 148 12.27 13.92 4.73
CA VAL A 148 11.39 15.03 4.38
C VAL A 148 12.25 16.29 4.41
N ASP A 149 13.00 16.50 5.51
CA ASP A 149 13.85 17.65 5.66
C ASP A 149 14.81 17.91 4.52
N GLU A 150 15.27 16.85 3.85
CA GLU A 150 16.21 16.96 2.73
C GLU A 150 15.50 17.02 1.38
N GLY A 151 14.22 16.75 1.34
CA GLY A 151 13.47 16.89 0.11
C GLY A 151 13.51 15.61 -0.69
N LEU A 152 13.87 14.48 -0.05
CA LEU A 152 13.96 13.19 -0.72
C LEU A 152 12.57 12.64 -0.85
N VAL A 153 11.69 12.91 0.11
CA VAL A 153 10.30 12.48 0.02
C VAL A 153 9.48 13.67 0.46
N LYS A 154 8.33 13.83 -0.16
CA LYS A 154 7.39 14.90 0.12
C LYS A 154 6.49 14.59 1.32
N ALA A 155 6.29 13.32 1.71
CA ALA A 155 5.43 12.95 2.83
C ALA A 155 5.89 11.59 3.35
N ILE A 156 5.72 11.24 4.63
CA ILE A 156 6.08 9.93 5.15
C ILE A 156 4.86 9.31 5.82
N GLY A 157 4.81 7.98 5.85
CA GLY A 157 3.69 7.29 6.43
C GLY A 157 4.13 5.89 6.82
N VAL A 158 3.15 5.10 7.25
CA VAL A 158 3.38 3.76 7.73
C VAL A 158 2.46 2.79 7.01
N SER A 159 2.60 1.51 7.25
CA SER A 159 1.79 0.54 6.57
C SER A 159 1.75 -0.64 7.55
N ASN A 160 0.54 -1.17 7.75
CA ASN A 160 0.28 -2.28 8.66
C ASN A 160 0.61 -1.89 10.10
N PHE A 161 0.37 -0.63 10.46
CA PHE A 161 0.58 -0.26 11.85
C PHE A 161 -0.76 -0.39 12.54
N ASN A 162 -0.79 -0.96 13.72
CA ASN A 162 -2.04 -0.97 14.46
C ASN A 162 -2.19 0.38 15.15
N HIS A 163 -3.37 0.72 15.66
CA HIS A 163 -3.56 2.02 16.26
C HIS A 163 -2.65 2.34 17.42
N LEU A 164 -2.18 1.38 18.24
CA LEU A 164 -1.26 1.71 19.32
C LEU A 164 0.12 2.02 18.80
N GLN A 165 0.46 1.44 17.64
CA GLN A 165 1.74 1.70 17.01
C GLN A 165 1.76 3.09 16.43
N VAL A 166 0.65 3.46 15.78
CA VAL A 166 0.49 4.82 15.28
C VAL A 166 0.56 5.79 16.46
N GLU A 167 -0.12 5.49 17.58
CA GLU A 167 -0.06 6.29 18.79
C GLU A 167 1.33 6.51 19.30
N LYS A 168 2.17 5.49 19.30
CA LYS A 168 3.53 5.65 19.79
C LYS A 168 4.27 6.66 18.91
N ILE A 169 3.98 6.74 17.59
CA ILE A 169 4.62 7.74 16.73
C ILE A 169 4.01 9.11 17.09
N LEU A 170 2.69 9.26 17.05
CA LEU A 170 2.03 10.53 17.38
C LEU A 170 2.43 11.13 18.72
N ASN A 171 2.73 10.30 19.72
CA ASN A 171 3.11 10.73 21.05
C ASN A 171 4.60 10.81 21.26
N LYS A 172 5.39 10.71 20.20
CA LYS A 172 6.83 10.73 20.31
C LYS A 172 7.28 12.14 20.71
N PRO A 173 8.16 12.29 21.70
CA PRO A 173 8.78 13.57 22.01
C PRO A 173 9.59 14.05 20.81
N GLY A 174 9.64 15.32 20.44
CA GLY A 174 10.41 15.73 19.26
C GLY A 174 9.76 15.39 17.90
N LEU A 175 8.58 14.78 17.80
CA LEU A 175 7.93 14.50 16.54
C LEU A 175 7.88 15.75 15.64
N LYS A 176 8.48 15.63 14.46
CA LYS A 176 8.46 16.65 13.44
C LYS A 176 7.33 16.43 12.46
N TYR A 177 7.09 15.25 11.92
CA TYR A 177 6.05 15.06 10.93
C TYR A 177 5.31 13.85 11.38
N LYS A 178 4.02 13.82 11.20
CA LYS A 178 3.23 12.67 11.63
C LYS A 178 2.98 11.81 10.41
N PRO A 179 2.57 10.53 10.50
CA PRO A 179 2.25 9.72 9.34
C PRO A 179 1.09 10.38 8.61
N ALA A 180 1.38 10.67 7.37
CA ALA A 180 0.37 11.18 6.51
C ALA A 180 -0.57 10.08 6.04
N VAL A 181 -0.12 8.81 5.95
CA VAL A 181 -0.92 7.70 5.42
C VAL A 181 -0.69 6.44 6.27
N ASN A 182 -1.67 5.56 6.37
CA ASN A 182 -1.49 4.24 6.92
C ASN A 182 -2.08 3.40 5.83
N GLN A 183 -1.24 2.54 5.23
CA GLN A 183 -1.67 1.64 4.17
C GLN A 183 -1.86 0.28 4.82
N ILE A 184 -3.03 -0.31 4.67
CA ILE A 184 -3.39 -1.48 5.44
C ILE A 184 -4.29 -2.30 4.57
N GLU A 185 -4.45 -3.57 4.88
CA GLU A 185 -5.28 -4.49 4.13
C GLU A 185 -6.72 -4.18 4.44
N VAL A 186 -7.51 -3.99 3.42
CA VAL A 186 -8.91 -3.70 3.60
C VAL A 186 -9.58 -4.38 2.43
N HIS A 187 -10.68 -5.07 2.72
CA HIS A 187 -11.56 -5.64 1.70
C HIS A 187 -12.83 -6.14 2.42
N PRO A 188 -13.96 -6.62 1.87
CA PRO A 188 -15.12 -7.12 2.64
C PRO A 188 -14.83 -8.06 3.81
N TYR A 189 -13.90 -8.98 3.61
CA TYR A 189 -13.55 -9.90 4.66
C TYR A 189 -12.67 -9.30 5.75
N LEU A 190 -12.32 -8.02 5.71
CA LEU A 190 -11.47 -7.37 6.70
C LEU A 190 -11.81 -5.92 6.39
N THR A 191 -12.92 -5.48 6.94
CA THR A 191 -13.42 -4.15 6.65
C THR A 191 -12.72 -3.07 7.45
N GLN A 192 -12.01 -3.43 8.49
CA GLN A 192 -11.14 -2.47 9.17
C GLN A 192 -11.72 -1.16 9.67
N GLU A 193 -13.05 -1.03 9.80
CA GLU A 193 -13.68 0.20 10.24
C GLU A 193 -13.14 0.78 11.53
N LYS A 194 -12.67 -0.01 12.49
CA LYS A 194 -12.07 0.58 13.69
C LYS A 194 -10.76 1.29 13.39
N LEU A 195 -9.78 0.66 12.71
CA LEU A 195 -8.50 1.26 12.38
C LEU A 195 -8.68 2.42 11.43
N ILE A 196 -9.54 2.25 10.41
CA ILE A 196 -9.84 3.33 9.47
C ILE A 196 -10.35 4.52 10.29
N GLU A 197 -11.36 4.34 11.17
CA GLU A 197 -11.94 5.43 11.95
C GLU A 197 -10.90 6.11 12.79
N TYR A 198 -10.06 5.27 13.40
CA TYR A 198 -8.96 5.80 14.19
C TYR A 198 -8.04 6.71 13.36
N CYS A 199 -7.52 6.27 12.20
CA CYS A 199 -6.56 7.08 11.45
C CYS A 199 -7.23 8.36 10.99
N LYS A 200 -8.46 8.23 10.49
CA LYS A 200 -9.26 9.36 10.11
C LYS A 200 -9.46 10.30 11.28
N SER A 201 -9.66 9.86 12.53
CA SER A 201 -9.72 10.85 13.60
C SER A 201 -8.39 11.56 13.82
N LYS A 202 -7.30 10.89 13.43
CA LYS A 202 -5.99 11.48 13.64
C LYS A 202 -5.49 12.29 12.45
N GLY A 203 -6.24 12.22 11.34
CA GLY A 203 -5.94 13.00 10.16
C GLY A 203 -4.88 12.35 9.28
N ILE A 204 -4.99 11.02 9.28
CA ILE A 204 -4.11 10.15 8.53
C ILE A 204 -4.99 9.52 7.45
N VAL A 205 -4.56 9.53 6.19
CA VAL A 205 -5.31 8.94 5.09
C VAL A 205 -5.08 7.44 5.10
N VAL A 206 -6.05 6.68 4.60
CA VAL A 206 -5.98 5.25 4.57
C VAL A 206 -5.94 4.80 3.12
N THR A 207 -5.02 3.89 2.81
CA THR A 207 -4.91 3.30 1.50
C THR A 207 -5.22 1.86 1.79
N ALA A 208 -6.16 1.34 1.03
CA ALA A 208 -6.65 -0.01 1.17
C ALA A 208 -5.86 -0.86 0.21
N TYR A 209 -5.07 -1.82 0.68
CA TYR A 209 -4.36 -2.65 -0.26
C TYR A 209 -5.12 -3.96 -0.36
N SER A 210 -4.75 -4.78 -1.35
CA SER A 210 -5.42 -6.02 -1.67
C SER A 210 -6.96 -5.93 -1.72
N PRO A 211 -7.53 -4.96 -2.46
CA PRO A 211 -8.97 -4.70 -2.56
C PRO A 211 -9.79 -5.86 -3.10
N LEU A 212 -9.11 -6.83 -3.75
CA LEU A 212 -9.72 -7.99 -4.39
C LEU A 212 -9.33 -9.30 -3.69
N GLY A 213 -8.64 -9.21 -2.55
CA GLY A 213 -8.21 -10.38 -1.81
C GLY A 213 -6.90 -11.03 -2.28
N SER A 214 -6.29 -10.56 -3.38
CA SER A 214 -5.04 -11.10 -3.89
C SER A 214 -5.03 -12.58 -4.33
N PRO A 215 -5.82 -12.96 -5.36
CA PRO A 215 -5.83 -14.28 -5.98
C PRO A 215 -4.49 -14.95 -6.26
N ASP A 216 -3.49 -14.12 -6.58
CA ASP A 216 -2.15 -14.57 -6.89
C ASP A 216 -1.17 -14.66 -5.72
N ARG A 217 -1.64 -14.56 -4.48
CA ARG A 217 -0.74 -14.64 -3.34
C ARG A 217 -0.19 -16.07 -3.23
N PRO A 218 1.12 -16.29 -3.05
CA PRO A 218 1.75 -17.62 -3.08
C PRO A 218 1.08 -18.69 -2.22
N TRP A 219 0.65 -18.27 -1.04
CA TRP A 219 -0.01 -19.12 -0.08
C TRP A 219 -1.48 -19.45 -0.39
N ALA A 220 -1.99 -19.09 -1.55
CA ALA A 220 -3.36 -19.44 -1.89
C ALA A 220 -3.40 -20.95 -2.15
N LYS A 221 -4.05 -21.60 -1.21
CA LYS A 221 -4.30 -23.04 -1.27
C LYS A 221 -5.77 -23.25 -1.66
N PRO A 222 -6.22 -24.32 -2.34
CA PRO A 222 -7.55 -24.44 -2.97
C PRO A 222 -8.82 -24.08 -2.19
N GLU A 223 -8.83 -24.35 -0.88
CA GLU A 223 -9.96 -24.05 0.01
C GLU A 223 -10.13 -22.59 0.41
N ASP A 224 -9.33 -21.68 -0.12
CA ASP A 224 -9.44 -20.27 0.23
C ASP A 224 -10.72 -19.61 -0.28
N PRO A 225 -11.21 -18.59 0.42
CA PRO A 225 -12.29 -17.76 -0.08
C PRO A 225 -11.85 -16.77 -1.14
N SER A 226 -12.48 -16.82 -2.31
CA SER A 226 -12.14 -15.91 -3.38
C SER A 226 -13.18 -14.80 -3.49
N LEU A 227 -12.92 -13.60 -2.96
CA LEU A 227 -13.80 -12.43 -3.08
C LEU A 227 -14.36 -12.24 -4.49
N LEU A 228 -13.50 -12.33 -5.52
CA LEU A 228 -13.94 -12.14 -6.90
C LEU A 228 -14.95 -13.15 -7.42
N GLU A 229 -14.88 -14.37 -6.91
CA GLU A 229 -15.77 -15.39 -7.40
C GLU A 229 -16.81 -15.78 -6.36
N ASP A 230 -16.95 -14.96 -5.33
CA ASP A 230 -17.93 -15.15 -4.28
C ASP A 230 -19.28 -14.75 -4.87
N PRO A 231 -20.21 -15.69 -5.09
CA PRO A 231 -21.47 -15.46 -5.78
C PRO A 231 -22.29 -14.26 -5.30
N ARG A 232 -22.18 -13.96 -4.00
CA ARG A 232 -22.85 -12.83 -3.41
C ARG A 232 -22.43 -11.50 -4.05
N ILE A 233 -21.12 -11.24 -4.18
CA ILE A 233 -20.66 -9.96 -4.71
C ILE A 233 -20.83 -9.93 -6.21
N LYS A 234 -20.74 -11.10 -6.85
CA LYS A 234 -20.95 -11.23 -8.27
C LYS A 234 -22.41 -10.87 -8.59
N ALA A 235 -23.34 -11.19 -7.68
CA ALA A 235 -24.75 -10.81 -7.80
C ALA A 235 -24.94 -9.30 -7.76
N ILE A 236 -24.30 -8.61 -6.80
CA ILE A 236 -24.46 -7.17 -6.74
C ILE A 236 -23.73 -6.55 -7.93
N ALA A 237 -22.77 -7.25 -8.55
CA ALA A 237 -22.09 -6.76 -9.75
C ALA A 237 -23.07 -6.81 -10.91
N ALA A 238 -23.73 -7.96 -11.04
CA ALA A 238 -24.74 -8.24 -12.06
C ALA A 238 -25.79 -7.16 -12.13
N LYS A 239 -26.21 -6.71 -10.96
CA LYS A 239 -27.14 -5.60 -10.86
C LYS A 239 -26.49 -4.34 -11.40
N TYR A 240 -25.25 -4.07 -11.00
CA TYR A 240 -24.56 -2.87 -11.45
C TYR A 240 -24.05 -2.90 -12.88
N ASN A 241 -24.03 -4.09 -13.51
CA ASN A 241 -23.47 -4.35 -14.84
C ASN A 241 -22.09 -3.73 -14.90
N LYS A 242 -21.35 -4.26 -13.94
CA LYS A 242 -19.99 -3.91 -13.56
C LYS A 242 -19.39 -5.24 -13.15
N THR A 243 -18.07 -5.43 -13.02
CA THR A 243 -17.56 -6.73 -12.59
C THR A 243 -17.43 -6.80 -11.07
N THR A 244 -17.21 -8.00 -10.53
CA THR A 244 -16.89 -8.18 -9.11
C THR A 244 -15.69 -7.31 -8.77
N ALA A 245 -14.69 -7.27 -9.66
CA ALA A 245 -13.52 -6.43 -9.45
C ALA A 245 -13.88 -4.96 -9.37
N GLN A 246 -14.55 -4.38 -10.38
CA GLN A 246 -14.84 -2.96 -10.33
C GLN A 246 -15.66 -2.59 -9.11
N VAL A 247 -16.56 -3.44 -8.61
CA VAL A 247 -17.32 -3.08 -7.43
C VAL A 247 -16.47 -3.22 -6.16
N LEU A 248 -15.61 -4.21 -6.06
CA LEU A 248 -14.71 -4.34 -4.91
C LEU A 248 -13.68 -3.21 -4.88
N ILE A 249 -13.43 -2.55 -6.03
CA ILE A 249 -12.58 -1.37 -6.05
C ILE A 249 -13.39 -0.12 -5.69
N ARG A 250 -14.65 0.01 -6.14
CA ARG A 250 -15.50 1.14 -5.76
C ARG A 250 -15.82 1.24 -4.27
N PHE A 251 -15.98 0.09 -3.60
CA PHE A 251 -16.20 -0.01 -2.16
C PHE A 251 -15.22 0.82 -1.32
N PRO A 252 -13.88 0.64 -1.22
CA PRO A 252 -13.01 1.49 -0.42
C PRO A 252 -13.10 2.95 -0.83
N MET A 253 -13.31 3.20 -2.13
CA MET A 253 -13.39 4.55 -2.65
C MET A 253 -14.56 5.25 -2.00
N GLN A 254 -15.69 4.54 -1.93
CA GLN A 254 -16.89 5.07 -1.29
C GLN A 254 -16.73 5.22 0.21
N ARG A 255 -15.76 4.53 0.78
CA ARG A 255 -15.44 4.70 2.17
C ARG A 255 -14.41 5.79 2.35
N ASN A 256 -14.08 6.58 1.32
CA ASN A 256 -13.02 7.55 1.39
C ASN A 256 -11.65 6.94 1.77
N LEU A 257 -11.32 5.85 1.10
CA LEU A 257 -10.02 5.23 1.24
C LEU A 257 -9.40 5.20 -0.16
N ILE A 258 -8.09 5.43 -0.23
CA ILE A 258 -7.32 5.34 -1.47
C ILE A 258 -7.35 3.85 -1.84
N VAL A 259 -7.53 3.37 -3.07
CA VAL A 259 -7.45 1.96 -3.38
C VAL A 259 -6.26 1.77 -4.29
N ILE A 260 -5.44 0.72 -4.12
CA ILE A 260 -4.36 0.45 -5.07
C ILE A 260 -4.43 -0.98 -5.62
N PRO A 261 -5.34 -1.33 -6.53
CA PRO A 261 -5.39 -2.64 -7.15
C PRO A 261 -4.20 -2.93 -8.08
N LYS A 262 -3.75 -4.18 -8.00
CA LYS A 262 -2.60 -4.66 -8.74
C LYS A 262 -3.06 -5.40 -9.97
N SER A 263 -2.56 -5.02 -11.14
CA SER A 263 -2.76 -5.81 -12.32
C SER A 263 -1.65 -5.51 -13.31
N VAL A 264 -1.15 -6.58 -13.92
CA VAL A 264 -0.18 -6.45 -15.00
C VAL A 264 -0.90 -6.67 -16.32
N THR A 265 -2.16 -7.12 -16.30
CA THR A 265 -2.92 -7.38 -17.50
C THR A 265 -3.56 -6.10 -18.02
N PRO A 266 -3.26 -5.63 -19.24
CA PRO A 266 -3.69 -4.34 -19.78
C PRO A 266 -5.20 -4.08 -19.69
N GLU A 267 -5.94 -5.10 -20.11
CA GLU A 267 -7.37 -5.08 -20.08
C GLU A 267 -7.89 -4.87 -18.66
N ARG A 268 -7.32 -5.58 -17.68
CA ARG A 268 -7.78 -5.43 -16.30
C ARG A 268 -7.29 -4.12 -15.72
N ILE A 269 -6.14 -3.60 -16.15
CA ILE A 269 -5.71 -2.28 -15.73
C ILE A 269 -6.72 -1.25 -16.21
N ALA A 270 -7.31 -1.38 -17.42
CA ALA A 270 -8.33 -0.45 -17.92
C ALA A 270 -9.68 -0.61 -17.21
N GLU A 271 -10.10 -1.85 -16.96
CA GLU A 271 -11.31 -2.17 -16.21
C GLU A 271 -11.25 -1.54 -14.82
N ASN A 272 -10.13 -1.73 -14.11
CA ASN A 272 -9.92 -1.15 -12.79
C ASN A 272 -9.90 0.36 -12.78
N PHE A 273 -9.69 1.03 -13.91
CA PHE A 273 -9.76 2.47 -13.90
C PHE A 273 -11.19 2.87 -14.22
N GLN A 274 -11.96 1.97 -14.83
CA GLN A 274 -13.35 2.20 -15.16
C GLN A 274 -14.29 2.01 -13.97
N VAL A 275 -14.01 2.72 -12.88
CA VAL A 275 -14.79 2.69 -11.65
C VAL A 275 -15.37 4.05 -11.31
N PHE A 276 -14.98 5.14 -11.98
CA PHE A 276 -15.46 6.47 -11.65
C PHE A 276 -16.77 6.82 -12.37
N ASP A 277 -17.72 5.89 -12.51
CA ASP A 277 -18.92 6.16 -13.31
C ASP A 277 -20.21 5.67 -12.67
N PHE A 278 -20.16 5.47 -11.36
CA PHE A 278 -21.31 4.96 -10.64
C PHE A 278 -21.04 5.15 -9.17
N GLU A 279 -22.02 4.73 -8.36
CA GLU A 279 -22.01 4.77 -6.90
C GLU A 279 -22.80 3.52 -6.52
N LEU A 280 -22.46 2.98 -5.37
CA LEU A 280 -23.14 1.84 -4.81
C LEU A 280 -24.13 2.41 -3.82
N SER A 281 -25.39 1.99 -3.95
CA SER A 281 -26.45 2.45 -3.05
C SER A 281 -26.27 1.89 -1.64
N PRO A 282 -26.64 2.63 -0.58
CA PRO A 282 -26.17 2.41 0.78
C PRO A 282 -26.41 1.01 1.33
N GLU A 283 -27.44 0.31 0.84
CA GLU A 283 -27.66 -1.09 1.23
C GLU A 283 -26.46 -1.90 0.78
N ASP A 284 -25.98 -1.71 -0.45
CA ASP A 284 -24.84 -2.45 -1.00
C ASP A 284 -23.60 -2.27 -0.13
N MET A 285 -23.33 -1.01 0.20
CA MET A 285 -22.25 -0.67 1.11
C MET A 285 -22.40 -1.45 2.40
N ASN A 286 -23.61 -1.51 2.97
CA ASN A 286 -23.85 -2.31 4.18
C ASN A 286 -23.77 -3.79 3.87
N THR A 287 -24.15 -4.26 2.67
CA THR A 287 -24.14 -5.67 2.35
C THR A 287 -22.69 -6.13 2.27
N LEU A 288 -21.73 -5.31 1.81
CA LEU A 288 -20.34 -5.74 1.72
C LEU A 288 -19.70 -5.60 3.09
N LEU A 289 -19.92 -4.50 3.81
CA LEU A 289 -19.35 -4.34 5.14
C LEU A 289 -19.67 -5.47 6.10
N SER A 290 -20.84 -6.09 5.92
CA SER A 290 -21.27 -7.18 6.78
C SER A 290 -20.53 -8.49 6.53
N TYR A 291 -19.73 -8.56 5.47
CA TYR A 291 -18.93 -9.75 5.24
C TYR A 291 -17.67 -9.78 6.09
N ASN A 292 -17.45 -8.86 7.04
CA ASN A 292 -16.25 -8.85 7.87
C ASN A 292 -16.00 -10.13 8.65
N ARG A 293 -15.24 -11.00 7.98
CA ARG A 293 -14.83 -12.27 8.54
C ARG A 293 -13.55 -12.09 9.32
N ASN A 294 -12.91 -10.92 9.22
CA ASN A 294 -11.59 -10.61 9.79
C ASN A 294 -10.51 -11.55 9.26
N TRP A 295 -10.66 -11.81 7.96
CA TRP A 295 -9.77 -12.65 7.17
C TRP A 295 -8.70 -11.80 6.49
N ARG A 296 -7.55 -12.11 7.02
CA ARG A 296 -6.32 -11.52 6.58
C ARG A 296 -5.70 -12.42 5.57
N VAL A 297 -5.19 -11.74 4.56
CA VAL A 297 -4.49 -12.30 3.44
C VAL A 297 -3.00 -12.05 3.69
N CYS A 298 -2.66 -10.99 4.41
CA CYS A 298 -1.30 -10.62 4.71
C CYS A 298 -1.16 -10.58 6.22
N ALA A 299 -0.89 -11.74 6.77
CA ALA A 299 -0.80 -11.87 8.20
C ALA A 299 0.63 -11.88 8.69
N LEU A 300 1.62 -12.15 7.85
CA LEU A 300 3.03 -12.27 8.25
C LEU A 300 3.27 -13.14 9.51
N MET A 301 2.71 -14.34 9.41
CA MET A 301 2.81 -15.37 10.44
C MET A 301 4.24 -15.66 10.86
N SER A 302 5.20 -15.61 9.93
CA SER A 302 6.62 -15.82 10.24
C SER A 302 7.17 -14.89 11.32
N CYS A 303 6.51 -13.72 11.44
CA CYS A 303 6.91 -12.68 12.36
C CYS A 303 5.96 -12.51 13.53
N ALA A 304 5.04 -13.47 13.76
CA ALA A 304 4.09 -13.39 14.87
C ALA A 304 4.67 -13.32 16.26
N SER A 305 5.93 -13.69 16.44
CA SER A 305 6.52 -13.59 17.76
C SER A 305 7.28 -12.30 17.89
N HIS A 306 7.39 -11.51 16.83
CA HIS A 306 8.15 -10.26 16.89
C HIS A 306 7.49 -9.29 17.86
N LYS A 307 8.29 -8.57 18.67
CA LYS A 307 7.76 -7.58 19.60
C LYS A 307 6.85 -6.53 18.98
N ASP A 308 7.01 -6.21 17.67
CA ASP A 308 6.18 -5.18 17.04
C ASP A 308 5.26 -5.75 16.00
N TYR A 309 5.01 -7.04 16.11
CA TYR A 309 4.08 -7.68 15.21
C TYR A 309 2.75 -6.96 15.44
N PRO A 310 2.10 -6.53 14.38
CA PRO A 310 0.99 -5.61 14.48
C PRO A 310 -0.38 -6.20 14.80
N PHE A 311 -0.53 -7.49 14.52
CA PHE A 311 -1.85 -8.10 14.52
C PHE A 311 -2.29 -8.90 15.75
N HIS A 312 -1.67 -8.73 16.90
CA HIS A 312 -2.16 -9.40 18.10
C HIS A 312 -3.19 -8.49 18.76
N GLU A 313 -3.10 -7.21 18.40
CA GLU A 313 -4.01 -6.20 18.83
C GLU A 313 -5.27 -6.31 17.98
N GLU A 314 -6.42 -5.90 18.53
CA GLU A 314 -7.72 -5.89 17.86
C GLU A 314 -7.72 -5.04 16.59
N TYR A 315 -7.16 -3.83 16.70
CA TYR A 315 -7.05 -2.91 15.59
C TYR A 315 -5.91 -1.98 15.95
#